data_1BTS
# 
_entry.id   1BTS 
# 
_audit_conform.dict_name       mmcif_pdbx.dic 
_audit_conform.dict_version    5.397 
_audit_conform.dict_location   http://mmcif.pdb.org/dictionaries/ascii/mmcif_pdbx.dic 
# 
loop_
_database_2.database_id 
_database_2.database_code 
_database_2.pdbx_database_accession 
_database_2.pdbx_DOI 
PDB   1BTS         pdb_00001bts 10.2210/pdb1bts/pdb 
WWPDB D_1000172080 ?            ?                   
# 
loop_
_pdbx_audit_revision_history.ordinal 
_pdbx_audit_revision_history.data_content_type 
_pdbx_audit_revision_history.major_revision 
_pdbx_audit_revision_history.minor_revision 
_pdbx_audit_revision_history.revision_date 
1 'Structure model' 1 0 1994-11-01 
2 'Structure model' 1 1 2008-03-24 
3 'Structure model' 1 2 2011-07-13 
4 'Structure model' 1 3 2022-02-16 
5 'Structure model' 1 4 2024-10-16 
# 
_pdbx_audit_revision_details.ordinal             1 
_pdbx_audit_revision_details.revision_ordinal    1 
_pdbx_audit_revision_details.data_content_type   'Structure model' 
_pdbx_audit_revision_details.provider            repository 
_pdbx_audit_revision_details.type                'Initial release' 
_pdbx_audit_revision_details.description         ? 
_pdbx_audit_revision_details.details             ? 
# 
loop_
_pdbx_audit_revision_group.ordinal 
_pdbx_audit_revision_group.revision_ordinal 
_pdbx_audit_revision_group.data_content_type 
_pdbx_audit_revision_group.group 
1 2 'Structure model' 'Version format compliance' 
2 3 'Structure model' 'Version format compliance' 
3 4 'Structure model' 'Database references'       
4 4 'Structure model' 'Derived calculations'      
5 4 'Structure model' Other                       
6 5 'Structure model' 'Data collection'           
7 5 'Structure model' 'Structure summary'         
# 
loop_
_pdbx_audit_revision_category.ordinal 
_pdbx_audit_revision_category.revision_ordinal 
_pdbx_audit_revision_category.data_content_type 
_pdbx_audit_revision_category.category 
1  4 'Structure model' database_2                
2  4 'Structure model' pdbx_database_status      
3  4 'Structure model' pdbx_struct_assembly      
4  4 'Structure model' pdbx_struct_oper_list     
5  4 'Structure model' struct_conn               
6  4 'Structure model' struct_site               
7  5 'Structure model' chem_comp_atom            
8  5 'Structure model' chem_comp_bond            
9  5 'Structure model' pdbx_entry_details        
10 5 'Structure model' pdbx_modification_feature 
# 
loop_
_pdbx_audit_revision_item.ordinal 
_pdbx_audit_revision_item.revision_ordinal 
_pdbx_audit_revision_item.data_content_type 
_pdbx_audit_revision_item.item 
1 4 'Structure model' '_database_2.pdbx_DOI'                
2 4 'Structure model' '_database_2.pdbx_database_accession' 
3 4 'Structure model' '_pdbx_database_status.process_site'  
4 4 'Structure model' '_struct_conn.pdbx_leaving_atom_flag' 
5 4 'Structure model' '_struct_site.pdbx_auth_asym_id'      
6 4 'Structure model' '_struct_site.pdbx_auth_comp_id'      
7 4 'Structure model' '_struct_site.pdbx_auth_seq_id'       
# 
_pdbx_database_status.status_code                     REL 
_pdbx_database_status.entry_id                        1BTS 
_pdbx_database_status.recvd_initial_deposition_date   1994-08-03 
_pdbx_database_status.deposit_site                    ? 
_pdbx_database_status.process_site                    BNL 
_pdbx_database_status.SG_entry                        . 
_pdbx_database_status.pdb_format_compatible           Y 
_pdbx_database_status.status_code_mr                  ? 
_pdbx_database_status.status_code_sf                  ? 
_pdbx_database_status.status_code_cs                  ? 
_pdbx_database_status.status_code_nmr_data            ? 
_pdbx_database_status.methods_development_category    ? 
# 
_pdbx_database_related.db_name        PDB 
_pdbx_database_related.db_id          1BTT 
_pdbx_database_related.details        . 
_pdbx_database_related.content_type   ensemble 
# 
loop_
_audit_author.name 
_audit_author.pdbx_ordinal 
'Gargaro, A.R.'   1 
'Bloomberg, G.B.' 2 
'Dempsey, C.E.'   3 
'Murray, M.'      4 
'Tanner, M.J.A.'  5 
# 
_citation.id                        primary 
_citation.title                     'The solution structures of the first and second transmembrane-spanning segments of band 3.' 
_citation.journal_abbrev            Eur.J.Biochem. 
_citation.journal_volume            221 
_citation.page_first                445 
_citation.page_last                 454 
_citation.year                      1994 
_citation.journal_id_ASTM           EJBCAI 
_citation.country                   IX 
_citation.journal_id_ISSN           0014-2956 
_citation.journal_id_CSD            0262 
_citation.book_publisher            ? 
_citation.pdbx_database_id_PubMed   8168533 
_citation.pdbx_database_id_DOI      10.1111/j.1432-1033.1994.tb18757.x 
# 
loop_
_citation_author.citation_id 
_citation_author.name 
_citation_author.ordinal 
_citation_author.identifier_ORCID 
primary 'Gargaro, A.R.'   1 ? 
primary 'Bloomberg, G.B.' 2 ? 
primary 'Dempsey, C.E.'   3 ? 
primary 'Murray, M.'      4 ? 
primary 'Tanner, M.J.'    5 ? 
# 
_entity.id                         1 
_entity.type                       polymer 
_entity.src_method                 man 
_entity.pdbx_description           'BAND 3 ANION TRANSPORT PROTEIN' 
_entity.formula_weight             2096.491 
_entity.pdbx_number_of_molecules   1 
_entity.pdbx_ec                    ? 
_entity.pdbx_mutation              ? 
_entity.pdbx_fragment              ? 
_entity.details                    ? 
# 
_entity_poly.entity_id                      1 
_entity_poly.type                           'polypeptide(L)' 
_entity_poly.nstd_linkage                   no 
_entity_poly.nstd_monomer                   yes 
_entity_poly.pdbx_seq_one_letter_code       '(ACE)GVSELLISTAVQGILFALLGA(NH2)' 
_entity_poly.pdbx_seq_one_letter_code_can   XGVSELLISTAVQGILFALLGAX 
_entity_poly.pdbx_strand_id                 A 
_entity_poly.pdbx_target_identifier         ? 
# 
loop_
_entity_poly_seq.entity_id 
_entity_poly_seq.num 
_entity_poly_seq.mon_id 
_entity_poly_seq.hetero 
1 1  ACE n 
1 2  GLY n 
1 3  VAL n 
1 4  SER n 
1 5  GLU n 
1 6  LEU n 
1 7  LEU n 
1 8  ILE n 
1 9  SER n 
1 10 THR n 
1 11 ALA n 
1 12 VAL n 
1 13 GLN n 
1 14 GLY n 
1 15 ILE n 
1 16 LEU n 
1 17 PHE n 
1 18 ALA n 
1 19 LEU n 
1 20 LEU n 
1 21 GLY n 
1 22 ALA n 
1 23 NH2 n 
# 
_entity_src_gen.entity_id                          1 
_entity_src_gen.pdbx_src_id                        1 
_entity_src_gen.pdbx_alt_source_flag               sample 
_entity_src_gen.pdbx_seq_type                      ? 
_entity_src_gen.pdbx_beg_seq_num                   ? 
_entity_src_gen.pdbx_end_seq_num                   ? 
_entity_src_gen.gene_src_common_name               human 
_entity_src_gen.gene_src_genus                     Homo 
_entity_src_gen.pdbx_gene_src_gene                 ? 
_entity_src_gen.gene_src_species                   ? 
_entity_src_gen.gene_src_strain                    ? 
_entity_src_gen.gene_src_tissue                    ? 
_entity_src_gen.gene_src_tissue_fraction           ? 
_entity_src_gen.gene_src_details                   ? 
_entity_src_gen.pdbx_gene_src_fragment             ? 
_entity_src_gen.pdbx_gene_src_scientific_name      'Homo sapiens' 
_entity_src_gen.pdbx_gene_src_ncbi_taxonomy_id     9606 
_entity_src_gen.pdbx_gene_src_variant              ? 
_entity_src_gen.pdbx_gene_src_cell_line            ? 
_entity_src_gen.pdbx_gene_src_atcc                 ? 
_entity_src_gen.pdbx_gene_src_organ                ? 
_entity_src_gen.pdbx_gene_src_organelle            ? 
_entity_src_gen.pdbx_gene_src_cell                 ? 
_entity_src_gen.pdbx_gene_src_cellular_location    ? 
_entity_src_gen.host_org_common_name               ? 
_entity_src_gen.pdbx_host_org_scientific_name      ? 
_entity_src_gen.pdbx_host_org_ncbi_taxonomy_id     ? 
_entity_src_gen.host_org_genus                     ? 
_entity_src_gen.pdbx_host_org_gene                 ? 
_entity_src_gen.pdbx_host_org_organ                ? 
_entity_src_gen.host_org_species                   ? 
_entity_src_gen.pdbx_host_org_tissue               ? 
_entity_src_gen.pdbx_host_org_tissue_fraction      ? 
_entity_src_gen.pdbx_host_org_strain               ? 
_entity_src_gen.pdbx_host_org_variant              ? 
_entity_src_gen.pdbx_host_org_cell_line            ? 
_entity_src_gen.pdbx_host_org_atcc                 ? 
_entity_src_gen.pdbx_host_org_culture_collection   ? 
_entity_src_gen.pdbx_host_org_cell                 ? 
_entity_src_gen.pdbx_host_org_organelle            ? 
_entity_src_gen.pdbx_host_org_cellular_location    ? 
_entity_src_gen.pdbx_host_org_vector_type          ? 
_entity_src_gen.pdbx_host_org_vector               ? 
_entity_src_gen.host_org_details                   ? 
_entity_src_gen.expression_system_id               ? 
_entity_src_gen.plasmid_name                       ? 
_entity_src_gen.plasmid_details                    ? 
_entity_src_gen.pdbx_description                   ? 
# 
loop_
_chem_comp.id 
_chem_comp.type 
_chem_comp.mon_nstd_flag 
_chem_comp.name 
_chem_comp.pdbx_synonyms 
_chem_comp.formula 
_chem_comp.formula_weight 
ACE non-polymer         . 'ACETYL GROUP'  ? 'C2 H4 O'      44.053  
ALA 'L-peptide linking' y ALANINE         ? 'C3 H7 N O2'   89.093  
GLN 'L-peptide linking' y GLUTAMINE       ? 'C5 H10 N2 O3' 146.144 
GLU 'L-peptide linking' y 'GLUTAMIC ACID' ? 'C5 H9 N O4'   147.129 
GLY 'peptide linking'   y GLYCINE         ? 'C2 H5 N O2'   75.067  
ILE 'L-peptide linking' y ISOLEUCINE      ? 'C6 H13 N O2'  131.173 
LEU 'L-peptide linking' y LEUCINE         ? 'C6 H13 N O2'  131.173 
NH2 non-polymer         . 'AMINO GROUP'   ? 'H2 N'         16.023  
PHE 'L-peptide linking' y PHENYLALANINE   ? 'C9 H11 N O2'  165.189 
SER 'L-peptide linking' y SERINE          ? 'C3 H7 N O3'   105.093 
THR 'L-peptide linking' y THREONINE       ? 'C4 H9 N O3'   119.119 
VAL 'L-peptide linking' y VALINE          ? 'C5 H11 N O2'  117.146 
# 
loop_
_pdbx_poly_seq_scheme.asym_id 
_pdbx_poly_seq_scheme.entity_id 
_pdbx_poly_seq_scheme.seq_id 
_pdbx_poly_seq_scheme.mon_id 
_pdbx_poly_seq_scheme.ndb_seq_num 
_pdbx_poly_seq_scheme.pdb_seq_num 
_pdbx_poly_seq_scheme.auth_seq_num 
_pdbx_poly_seq_scheme.pdb_mon_id 
_pdbx_poly_seq_scheme.auth_mon_id 
_pdbx_poly_seq_scheme.pdb_strand_id 
_pdbx_poly_seq_scheme.pdb_ins_code 
_pdbx_poly_seq_scheme.hetero 
A 1 1  ACE 1  1  1  ACE ACE A . n 
A 1 2  GLY 2  2  2  GLY GLY A . n 
A 1 3  VAL 3  3  3  VAL VAL A . n 
A 1 4  SER 4  4  4  SER SER A . n 
A 1 5  GLU 5  5  5  GLU GLU A . n 
A 1 6  LEU 6  6  6  LEU LEU A . n 
A 1 7  LEU 7  7  7  LEU LEU A . n 
A 1 8  ILE 8  8  8  ILE ILE A . n 
A 1 9  SER 9  9  9  SER SER A . n 
A 1 10 THR 10 10 10 THR THR A . n 
A 1 11 ALA 11 11 11 ALA ALA A . n 
A 1 12 VAL 12 12 12 VAL VAL A . n 
A 1 13 GLN 13 13 13 GLN GLN A . n 
A 1 14 GLY 14 14 14 GLY GLY A . n 
A 1 15 ILE 15 15 15 ILE ILE A . n 
A 1 16 LEU 16 16 16 LEU LEU A . n 
A 1 17 PHE 17 17 17 PHE PHE A . n 
A 1 18 ALA 18 18 18 ALA ALA A . n 
A 1 19 LEU 19 19 19 LEU LEU A . n 
A 1 20 LEU 20 20 20 LEU LEU A . n 
A 1 21 GLY 21 21 21 GLY GLY A . n 
A 1 22 ALA 22 22 22 ALA ALA A . n 
A 1 23 NH2 23 23 23 NH2 NH2 A . n 
# 
loop_
_software.name 
_software.classification 
_software.version 
_software.citation_id 
_software.pdbx_ordinal 
X-PLOR 'model building' . ? 1 
X-PLOR refinement       . ? 2 
X-PLOR phasing          . ? 3 
# 
_cell.entry_id           1BTS 
_cell.length_a           1.000 
_cell.length_b           1.000 
_cell.length_c           1.000 
_cell.angle_alpha        90.00 
_cell.angle_beta         90.00 
_cell.angle_gamma        90.00 
_cell.Z_PDB              1 
_cell.pdbx_unique_axis   ? 
# 
_symmetry.entry_id                         1BTS 
_symmetry.space_group_name_H-M             'P 1' 
_symmetry.pdbx_full_space_group_name_H-M   ? 
_symmetry.cell_setting                     ? 
_symmetry.Int_Tables_number                1 
# 
_exptl.entry_id          1BTS 
_exptl.method            'SOLUTION NMR' 
_exptl.crystals_number   ? 
# 
_struct.entry_id                  1BTS 
_struct.title                     'THE SOLUTION STRUCTURES OF THE FIRST AND SECOND TRANSMEMBRANE-SPANNING SEGMENTS OF BAND 3' 
_struct.pdbx_model_details        ? 
_struct.pdbx_CASP_flag            ? 
_struct.pdbx_model_type_details   ? 
# 
_struct_keywords.entry_id        1BTS 
_struct_keywords.pdbx_keywords   'TRANSMEMBRANE PROTEIN' 
_struct_keywords.text            'TRANSMEMBRANE PROTEIN' 
# 
_struct_asym.id                            A 
_struct_asym.pdbx_blank_PDB_chainid_flag   Y 
_struct_asym.pdbx_modified                 N 
_struct_asym.entity_id                     1 
_struct_asym.details                       ? 
# 
_struct_ref.id                         1 
_struct_ref.db_name                    UNP 
_struct_ref.db_code                    B3AT_HUMAN 
_struct_ref.entity_id                  1 
_struct_ref.pdbx_db_accession          P02730 
_struct_ref.pdbx_align_begin           1 
_struct_ref.pdbx_seq_one_letter_code   
;MEELQDDYEDMMEENLEQEEYEDPDIPESQMEEPAAHDTEATATDYHTTSHPGTHKVYVELQELVMDEKNQELRWMEAAR
WVQLEENLGENGAWGRPHLSHLTFWSLLELRRVFTKGTVLLDLQETSLAGVANQLLDRFIFEDQIRPQDREELLRALLLK
HSHAGELEALGGVKPAVLTRSGDPSQPLLPQHSSLETQLFCEQGDGGTEGHSPSGILEKIPPDSEATLVLVGRADFLEQP
VLGFVRLQEAAELEAVELPVPIRFLFVLLGPEAPHIDYTQLGRAAATLMSERVFRIDAYMAQSRGELLHSLEGFLDCSLV
LPPTDAPSEQALLSLVPVQRELLRRRYQSSPAKPDSSFYKGLDLNGGPDDPLQQTGQLFGGLVRDIRRRYPYYLSDITDA
FSPQVLAAVIFIYFAALSPAITFGGLLGEKTRNQMGVSELLISTAVQGILFALLGAQPLLVVGFSGPLLVFEEAFFSFCE
TNGLEYIVGRVWIGFWLILLVVLVVAFEGSFLVRFISRYTQEIFSFLISLIFIYETFSKLIKIFQDHPLQKTYNYNVLMV
PKPQGPLPNTALLSLVLMAGTFFFAMMLRKFKNSSYFPGKLRRVIGDFGVPISILIMVLVDFFIQDTYTQKLSVPDGFKV
SNSSARGWVIHPLGLRSEFPIWMMFASALPALLVFILIFLESQITTLIVSKPERKMVKGSGFHLDLLLVVGMGGVAALFG
MPWLSATTVRSVTHANALTVMGKASTPGAAAQIQEVKEQRISGLLVAVLVGLSILMEPILSRIPLAVLFGIFLYMGVTSL
SGIQLFDRILLLFKPPKYHPDVPYVKRVKTWRMHLFTGIQIICLAVLWVVKSTPASLALPFVLILTVPLRRVLLPLIFRN
VELQCLDADDAKATFDEEEGRDEYDEVAMPV
;
_struct_ref.pdbx_db_isoform            ? 
# 
_struct_ref_seq.align_id                      1 
_struct_ref_seq.ref_id                        1 
_struct_ref_seq.pdbx_PDB_id_code              1BTS 
_struct_ref_seq.pdbx_strand_id                A 
_struct_ref_seq.seq_align_beg                 2 
_struct_ref_seq.pdbx_seq_align_beg_ins_code   ? 
_struct_ref_seq.seq_align_end                 22 
_struct_ref_seq.pdbx_seq_align_end_ins_code   ? 
_struct_ref_seq.pdbx_db_accession             P02730 
_struct_ref_seq.db_align_beg                  436 
_struct_ref_seq.pdbx_db_align_beg_ins_code    ? 
_struct_ref_seq.db_align_end                  456 
_struct_ref_seq.pdbx_db_align_end_ins_code    ? 
_struct_ref_seq.pdbx_auth_seq_align_beg       2 
_struct_ref_seq.pdbx_auth_seq_align_end       22 
# 
_pdbx_struct_assembly.id                   1 
_pdbx_struct_assembly.details              author_defined_assembly 
_pdbx_struct_assembly.method_details       ? 
_pdbx_struct_assembly.oligomeric_details   monomeric 
_pdbx_struct_assembly.oligomeric_count     1 
# 
_pdbx_struct_assembly_gen.assembly_id       1 
_pdbx_struct_assembly_gen.oper_expression   1 
_pdbx_struct_assembly_gen.asym_id_list      A 
# 
_pdbx_struct_oper_list.id                   1 
_pdbx_struct_oper_list.type                 'identity operation' 
_pdbx_struct_oper_list.name                 1_555 
_pdbx_struct_oper_list.symmetry_operation   x,y,z 
_pdbx_struct_oper_list.matrix[1][1]         1.0000000000 
_pdbx_struct_oper_list.matrix[1][2]         0.0000000000 
_pdbx_struct_oper_list.matrix[1][3]         0.0000000000 
_pdbx_struct_oper_list.vector[1]            0.0000000000 
_pdbx_struct_oper_list.matrix[2][1]         0.0000000000 
_pdbx_struct_oper_list.matrix[2][2]         1.0000000000 
_pdbx_struct_oper_list.matrix[2][3]         0.0000000000 
_pdbx_struct_oper_list.vector[2]            0.0000000000 
_pdbx_struct_oper_list.matrix[3][1]         0.0000000000 
_pdbx_struct_oper_list.matrix[3][2]         0.0000000000 
_pdbx_struct_oper_list.matrix[3][3]         1.0000000000 
_pdbx_struct_oper_list.vector[3]            0.0000000000 
# 
_struct_biol.id   1 
# 
_struct_conf.conf_type_id            HELX_P 
_struct_conf.id                      HELX_P1 
_struct_conf.pdbx_PDB_helix_id       A 
_struct_conf.beg_label_comp_id       VAL 
_struct_conf.beg_label_asym_id       A 
_struct_conf.beg_label_seq_id        3 
_struct_conf.pdbx_beg_PDB_ins_code   ? 
_struct_conf.end_label_comp_id       LEU 
_struct_conf.end_label_asym_id       A 
_struct_conf.end_label_seq_id        20 
_struct_conf.pdbx_end_PDB_ins_code   ? 
_struct_conf.beg_auth_comp_id        VAL 
_struct_conf.beg_auth_asym_id        A 
_struct_conf.beg_auth_seq_id         3 
_struct_conf.end_auth_comp_id        LEU 
_struct_conf.end_auth_asym_id        A 
_struct_conf.end_auth_seq_id         20 
_struct_conf.pdbx_PDB_helix_class    1 
_struct_conf.details                 ? 
_struct_conf.pdbx_PDB_helix_length   18 
# 
_struct_conf_type.id          HELX_P 
_struct_conf_type.criteria    ? 
_struct_conf_type.reference   ? 
# 
loop_
_struct_conn.id 
_struct_conn.conn_type_id 
_struct_conn.pdbx_leaving_atom_flag 
_struct_conn.pdbx_PDB_id 
_struct_conn.ptnr1_label_asym_id 
_struct_conn.ptnr1_label_comp_id 
_struct_conn.ptnr1_label_seq_id 
_struct_conn.ptnr1_label_atom_id 
_struct_conn.pdbx_ptnr1_label_alt_id 
_struct_conn.pdbx_ptnr1_PDB_ins_code 
_struct_conn.pdbx_ptnr1_standard_comp_id 
_struct_conn.ptnr1_symmetry 
_struct_conn.ptnr2_label_asym_id 
_struct_conn.ptnr2_label_comp_id 
_struct_conn.ptnr2_label_seq_id 
_struct_conn.ptnr2_label_atom_id 
_struct_conn.pdbx_ptnr2_label_alt_id 
_struct_conn.pdbx_ptnr2_PDB_ins_code 
_struct_conn.ptnr1_auth_asym_id 
_struct_conn.ptnr1_auth_comp_id 
_struct_conn.ptnr1_auth_seq_id 
_struct_conn.ptnr2_auth_asym_id 
_struct_conn.ptnr2_auth_comp_id 
_struct_conn.ptnr2_auth_seq_id 
_struct_conn.ptnr2_symmetry 
_struct_conn.pdbx_ptnr3_label_atom_id 
_struct_conn.pdbx_ptnr3_label_seq_id 
_struct_conn.pdbx_ptnr3_label_comp_id 
_struct_conn.pdbx_ptnr3_label_asym_id 
_struct_conn.pdbx_ptnr3_label_alt_id 
_struct_conn.pdbx_ptnr3_PDB_ins_code 
_struct_conn.details 
_struct_conn.pdbx_dist_value 
_struct_conn.pdbx_value_order 
_struct_conn.pdbx_role 
covale1 covale both ? A ACE 1  C ? ? ? 1_555 A GLY 2  N ? ? A ACE 1  A GLY 2  1_555 ? ? ? ? ? ? ? 1.309 ? ? 
covale2 covale both ? A ALA 22 C ? ? ? 1_555 A NH2 23 N ? ? A ALA 22 A NH2 23 1_555 ? ? ? ? ? ? ? 1.304 ? ? 
# 
_struct_conn_type.id          covale 
_struct_conn_type.criteria    ? 
_struct_conn_type.reference   ? 
# 
loop_
_pdbx_modification_feature.ordinal 
_pdbx_modification_feature.label_comp_id 
_pdbx_modification_feature.label_asym_id 
_pdbx_modification_feature.label_seq_id 
_pdbx_modification_feature.label_alt_id 
_pdbx_modification_feature.modified_residue_label_comp_id 
_pdbx_modification_feature.modified_residue_label_asym_id 
_pdbx_modification_feature.modified_residue_label_seq_id 
_pdbx_modification_feature.modified_residue_label_alt_id 
_pdbx_modification_feature.auth_comp_id 
_pdbx_modification_feature.auth_asym_id 
_pdbx_modification_feature.auth_seq_id 
_pdbx_modification_feature.PDB_ins_code 
_pdbx_modification_feature.symmetry 
_pdbx_modification_feature.modified_residue_auth_comp_id 
_pdbx_modification_feature.modified_residue_auth_asym_id 
_pdbx_modification_feature.modified_residue_auth_seq_id 
_pdbx_modification_feature.modified_residue_PDB_ins_code 
_pdbx_modification_feature.modified_residue_symmetry 
_pdbx_modification_feature.comp_id_linking_atom 
_pdbx_modification_feature.modified_residue_id_linking_atom 
_pdbx_modification_feature.modified_residue_id 
_pdbx_modification_feature.ref_pcm_id 
_pdbx_modification_feature.ref_comp_id 
_pdbx_modification_feature.type 
_pdbx_modification_feature.category 
1 ACE A 1  ? GLY A 2  ? ACE A 1  ? 1_555 GLY A 2  ? 1_555 . . GLY 12 ACE None 'Terminal acetylation' 
2 NH2 A 23 ? ALA A 22 ? NH2 A 23 ? 1_555 ALA A 22 ? 1_555 . . ALA 1  NH2 None 'Terminal amidation'   
# 
_struct_site.id                   AC2 
_struct_site.pdbx_evidence_code   Software 
_struct_site.pdbx_auth_asym_id    A 
_struct_site.pdbx_auth_comp_id    NH2 
_struct_site.pdbx_auth_seq_id     23 
_struct_site.pdbx_auth_ins_code   ? 
_struct_site.pdbx_num_residues    2 
_struct_site.details              'BINDING SITE FOR RESIDUE NH2 A 23' 
# 
loop_
_struct_site_gen.id 
_struct_site_gen.site_id 
_struct_site_gen.pdbx_num_res 
_struct_site_gen.label_comp_id 
_struct_site_gen.label_asym_id 
_struct_site_gen.label_seq_id 
_struct_site_gen.pdbx_auth_ins_code 
_struct_site_gen.auth_comp_id 
_struct_site_gen.auth_asym_id 
_struct_site_gen.auth_seq_id 
_struct_site_gen.label_atom_id 
_struct_site_gen.label_alt_id 
_struct_site_gen.symmetry 
_struct_site_gen.details 
1 AC2 2 GLY A 21 ? GLY A 21 . ? 1_555 ? 
2 AC2 2 ALA A 22 ? ALA A 22 . ? 1_555 ? 
# 
_pdbx_entry_details.entry_id                   1BTS 
_pdbx_entry_details.compound_details           ? 
_pdbx_entry_details.source_details             ? 
_pdbx_entry_details.nonpolymer_details         ? 
_pdbx_entry_details.sequence_details           ? 
_pdbx_entry_details.has_ligand_of_interest     ? 
_pdbx_entry_details.has_protein_modification   Y 
# 
_pdbx_nmr_ensemble.entry_id                             1BTS 
_pdbx_nmr_ensemble.conformers_calculated_total_number   ? 
_pdbx_nmr_ensemble.conformers_submitted_total_number    1 
_pdbx_nmr_ensemble.conformer_selection_criteria         ? 
# 
_pdbx_nmr_software.classification   refinement 
_pdbx_nmr_software.name             X-PLOR 
_pdbx_nmr_software.version          ? 
_pdbx_nmr_software.authors          BRUNGER 
_pdbx_nmr_software.ordinal          1 
# 
loop_
_chem_comp_atom.comp_id 
_chem_comp_atom.atom_id 
_chem_comp_atom.type_symbol 
_chem_comp_atom.pdbx_aromatic_flag 
_chem_comp_atom.pdbx_stereo_config 
_chem_comp_atom.pdbx_ordinal 
ACE C    C N N 1   
ACE O    O N N 2   
ACE CH3  C N N 3   
ACE H    H N N 4   
ACE H1   H N N 5   
ACE H2   H N N 6   
ACE H3   H N N 7   
ALA N    N N N 8   
ALA CA   C N S 9   
ALA C    C N N 10  
ALA O    O N N 11  
ALA CB   C N N 12  
ALA OXT  O N N 13  
ALA H    H N N 14  
ALA H2   H N N 15  
ALA HA   H N N 16  
ALA HB1  H N N 17  
ALA HB2  H N N 18  
ALA HB3  H N N 19  
ALA HXT  H N N 20  
GLN N    N N N 21  
GLN CA   C N S 22  
GLN C    C N N 23  
GLN O    O N N 24  
GLN CB   C N N 25  
GLN CG   C N N 26  
GLN CD   C N N 27  
GLN OE1  O N N 28  
GLN NE2  N N N 29  
GLN OXT  O N N 30  
GLN H    H N N 31  
GLN H2   H N N 32  
GLN HA   H N N 33  
GLN HB2  H N N 34  
GLN HB3  H N N 35  
GLN HG2  H N N 36  
GLN HG3  H N N 37  
GLN HE21 H N N 38  
GLN HE22 H N N 39  
GLN HXT  H N N 40  
GLU N    N N N 41  
GLU CA   C N S 42  
GLU C    C N N 43  
GLU O    O N N 44  
GLU CB   C N N 45  
GLU CG   C N N 46  
GLU CD   C N N 47  
GLU OE1  O N N 48  
GLU OE2  O N N 49  
GLU OXT  O N N 50  
GLU H    H N N 51  
GLU H2   H N N 52  
GLU HA   H N N 53  
GLU HB2  H N N 54  
GLU HB3  H N N 55  
GLU HG2  H N N 56  
GLU HG3  H N N 57  
GLU HE2  H N N 58  
GLU HXT  H N N 59  
GLY N    N N N 60  
GLY CA   C N N 61  
GLY C    C N N 62  
GLY O    O N N 63  
GLY OXT  O N N 64  
GLY H    H N N 65  
GLY H2   H N N 66  
GLY HA2  H N N 67  
GLY HA3  H N N 68  
GLY HXT  H N N 69  
ILE N    N N N 70  
ILE CA   C N S 71  
ILE C    C N N 72  
ILE O    O N N 73  
ILE CB   C N S 74  
ILE CG1  C N N 75  
ILE CG2  C N N 76  
ILE CD1  C N N 77  
ILE OXT  O N N 78  
ILE H    H N N 79  
ILE H2   H N N 80  
ILE HA   H N N 81  
ILE HB   H N N 82  
ILE HG12 H N N 83  
ILE HG13 H N N 84  
ILE HG21 H N N 85  
ILE HG22 H N N 86  
ILE HG23 H N N 87  
ILE HD11 H N N 88  
ILE HD12 H N N 89  
ILE HD13 H N N 90  
ILE HXT  H N N 91  
LEU N    N N N 92  
LEU CA   C N S 93  
LEU C    C N N 94  
LEU O    O N N 95  
LEU CB   C N N 96  
LEU CG   C N N 97  
LEU CD1  C N N 98  
LEU CD2  C N N 99  
LEU OXT  O N N 100 
LEU H    H N N 101 
LEU H2   H N N 102 
LEU HA   H N N 103 
LEU HB2  H N N 104 
LEU HB3  H N N 105 
LEU HG   H N N 106 
LEU HD11 H N N 107 
LEU HD12 H N N 108 
LEU HD13 H N N 109 
LEU HD21 H N N 110 
LEU HD22 H N N 111 
LEU HD23 H N N 112 
LEU HXT  H N N 113 
NH2 N    N N N 114 
NH2 HN1  H N N 115 
NH2 HN2  H N N 116 
PHE N    N N N 117 
PHE CA   C N S 118 
PHE C    C N N 119 
PHE O    O N N 120 
PHE CB   C N N 121 
PHE CG   C Y N 122 
PHE CD1  C Y N 123 
PHE CD2  C Y N 124 
PHE CE1  C Y N 125 
PHE CE2  C Y N 126 
PHE CZ   C Y N 127 
PHE OXT  O N N 128 
PHE H    H N N 129 
PHE H2   H N N 130 
PHE HA   H N N 131 
PHE HB2  H N N 132 
PHE HB3  H N N 133 
PHE HD1  H N N 134 
PHE HD2  H N N 135 
PHE HE1  H N N 136 
PHE HE2  H N N 137 
PHE HZ   H N N 138 
PHE HXT  H N N 139 
SER N    N N N 140 
SER CA   C N S 141 
SER C    C N N 142 
SER O    O N N 143 
SER CB   C N N 144 
SER OG   O N N 145 
SER OXT  O N N 146 
SER H    H N N 147 
SER H2   H N N 148 
SER HA   H N N 149 
SER HB2  H N N 150 
SER HB3  H N N 151 
SER HG   H N N 152 
SER HXT  H N N 153 
THR N    N N N 154 
THR CA   C N S 155 
THR C    C N N 156 
THR O    O N N 157 
THR CB   C N R 158 
THR OG1  O N N 159 
THR CG2  C N N 160 
THR OXT  O N N 161 
THR H    H N N 162 
THR H2   H N N 163 
THR HA   H N N 164 
THR HB   H N N 165 
THR HG1  H N N 166 
THR HG21 H N N 167 
THR HG22 H N N 168 
THR HG23 H N N 169 
THR HXT  H N N 170 
VAL N    N N N 171 
VAL CA   C N S 172 
VAL C    C N N 173 
VAL O    O N N 174 
VAL CB   C N N 175 
VAL CG1  C N N 176 
VAL CG2  C N N 177 
VAL OXT  O N N 178 
VAL H    H N N 179 
VAL H2   H N N 180 
VAL HA   H N N 181 
VAL HB   H N N 182 
VAL HG11 H N N 183 
VAL HG12 H N N 184 
VAL HG13 H N N 185 
VAL HG21 H N N 186 
VAL HG22 H N N 187 
VAL HG23 H N N 188 
VAL HXT  H N N 189 
# 
loop_
_chem_comp_bond.comp_id 
_chem_comp_bond.atom_id_1 
_chem_comp_bond.atom_id_2 
_chem_comp_bond.value_order 
_chem_comp_bond.pdbx_aromatic_flag 
_chem_comp_bond.pdbx_stereo_config 
_chem_comp_bond.pdbx_ordinal 
ACE C   O    doub N N 1   
ACE C   CH3  sing N N 2   
ACE C   H    sing N N 3   
ACE CH3 H1   sing N N 4   
ACE CH3 H2   sing N N 5   
ACE CH3 H3   sing N N 6   
ALA N   CA   sing N N 7   
ALA N   H    sing N N 8   
ALA N   H2   sing N N 9   
ALA CA  C    sing N N 10  
ALA CA  CB   sing N N 11  
ALA CA  HA   sing N N 12  
ALA C   O    doub N N 13  
ALA C   OXT  sing N N 14  
ALA CB  HB1  sing N N 15  
ALA CB  HB2  sing N N 16  
ALA CB  HB3  sing N N 17  
ALA OXT HXT  sing N N 18  
GLN N   CA   sing N N 19  
GLN N   H    sing N N 20  
GLN N   H2   sing N N 21  
GLN CA  C    sing N N 22  
GLN CA  CB   sing N N 23  
GLN CA  HA   sing N N 24  
GLN C   O    doub N N 25  
GLN C   OXT  sing N N 26  
GLN CB  CG   sing N N 27  
GLN CB  HB2  sing N N 28  
GLN CB  HB3  sing N N 29  
GLN CG  CD   sing N N 30  
GLN CG  HG2  sing N N 31  
GLN CG  HG3  sing N N 32  
GLN CD  OE1  doub N N 33  
GLN CD  NE2  sing N N 34  
GLN NE2 HE21 sing N N 35  
GLN NE2 HE22 sing N N 36  
GLN OXT HXT  sing N N 37  
GLU N   CA   sing N N 38  
GLU N   H    sing N N 39  
GLU N   H2   sing N N 40  
GLU CA  C    sing N N 41  
GLU CA  CB   sing N N 42  
GLU CA  HA   sing N N 43  
GLU C   O    doub N N 44  
GLU C   OXT  sing N N 45  
GLU CB  CG   sing N N 46  
GLU CB  HB2  sing N N 47  
GLU CB  HB3  sing N N 48  
GLU CG  CD   sing N N 49  
GLU CG  HG2  sing N N 50  
GLU CG  HG3  sing N N 51  
GLU CD  OE1  doub N N 52  
GLU CD  OE2  sing N N 53  
GLU OE2 HE2  sing N N 54  
GLU OXT HXT  sing N N 55  
GLY N   CA   sing N N 56  
GLY N   H    sing N N 57  
GLY N   H2   sing N N 58  
GLY CA  C    sing N N 59  
GLY CA  HA2  sing N N 60  
GLY CA  HA3  sing N N 61  
GLY C   O    doub N N 62  
GLY C   OXT  sing N N 63  
GLY OXT HXT  sing N N 64  
ILE N   CA   sing N N 65  
ILE N   H    sing N N 66  
ILE N   H2   sing N N 67  
ILE CA  C    sing N N 68  
ILE CA  CB   sing N N 69  
ILE CA  HA   sing N N 70  
ILE C   O    doub N N 71  
ILE C   OXT  sing N N 72  
ILE CB  CG1  sing N N 73  
ILE CB  CG2  sing N N 74  
ILE CB  HB   sing N N 75  
ILE CG1 CD1  sing N N 76  
ILE CG1 HG12 sing N N 77  
ILE CG1 HG13 sing N N 78  
ILE CG2 HG21 sing N N 79  
ILE CG2 HG22 sing N N 80  
ILE CG2 HG23 sing N N 81  
ILE CD1 HD11 sing N N 82  
ILE CD1 HD12 sing N N 83  
ILE CD1 HD13 sing N N 84  
ILE OXT HXT  sing N N 85  
LEU N   CA   sing N N 86  
LEU N   H    sing N N 87  
LEU N   H2   sing N N 88  
LEU CA  C    sing N N 89  
LEU CA  CB   sing N N 90  
LEU CA  HA   sing N N 91  
LEU C   O    doub N N 92  
LEU C   OXT  sing N N 93  
LEU CB  CG   sing N N 94  
LEU CB  HB2  sing N N 95  
LEU CB  HB3  sing N N 96  
LEU CG  CD1  sing N N 97  
LEU CG  CD2  sing N N 98  
LEU CG  HG   sing N N 99  
LEU CD1 HD11 sing N N 100 
LEU CD1 HD12 sing N N 101 
LEU CD1 HD13 sing N N 102 
LEU CD2 HD21 sing N N 103 
LEU CD2 HD22 sing N N 104 
LEU CD2 HD23 sing N N 105 
LEU OXT HXT  sing N N 106 
NH2 N   HN1  sing N N 107 
NH2 N   HN2  sing N N 108 
PHE N   CA   sing N N 109 
PHE N   H    sing N N 110 
PHE N   H2   sing N N 111 
PHE CA  C    sing N N 112 
PHE CA  CB   sing N N 113 
PHE CA  HA   sing N N 114 
PHE C   O    doub N N 115 
PHE C   OXT  sing N N 116 
PHE CB  CG   sing N N 117 
PHE CB  HB2  sing N N 118 
PHE CB  HB3  sing N N 119 
PHE CG  CD1  doub Y N 120 
PHE CG  CD2  sing Y N 121 
PHE CD1 CE1  sing Y N 122 
PHE CD1 HD1  sing N N 123 
PHE CD2 CE2  doub Y N 124 
PHE CD2 HD2  sing N N 125 
PHE CE1 CZ   doub Y N 126 
PHE CE1 HE1  sing N N 127 
PHE CE2 CZ   sing Y N 128 
PHE CE2 HE2  sing N N 129 
PHE CZ  HZ   sing N N 130 
PHE OXT HXT  sing N N 131 
SER N   CA   sing N N 132 
SER N   H    sing N N 133 
SER N   H2   sing N N 134 
SER CA  C    sing N N 135 
SER CA  CB   sing N N 136 
SER CA  HA   sing N N 137 
SER C   O    doub N N 138 
SER C   OXT  sing N N 139 
SER CB  OG   sing N N 140 
SER CB  HB2  sing N N 141 
SER CB  HB3  sing N N 142 
SER OG  HG   sing N N 143 
SER OXT HXT  sing N N 144 
THR N   CA   sing N N 145 
THR N   H    sing N N 146 
THR N   H2   sing N N 147 
THR CA  C    sing N N 148 
THR CA  CB   sing N N 149 
THR CA  HA   sing N N 150 
THR C   O    doub N N 151 
THR C   OXT  sing N N 152 
THR CB  OG1  sing N N 153 
THR CB  CG2  sing N N 154 
THR CB  HB   sing N N 155 
THR OG1 HG1  sing N N 156 
THR CG2 HG21 sing N N 157 
THR CG2 HG22 sing N N 158 
THR CG2 HG23 sing N N 159 
THR OXT HXT  sing N N 160 
VAL N   CA   sing N N 161 
VAL N   H    sing N N 162 
VAL N   H2   sing N N 163 
VAL CA  C    sing N N 164 
VAL CA  CB   sing N N 165 
VAL CA  HA   sing N N 166 
VAL C   O    doub N N 167 
VAL C   OXT  sing N N 168 
VAL CB  CG1  sing N N 169 
VAL CB  CG2  sing N N 170 
VAL CB  HB   sing N N 171 
VAL CG1 HG11 sing N N 172 
VAL CG1 HG12 sing N N 173 
VAL CG1 HG13 sing N N 174 
VAL CG2 HG21 sing N N 175 
VAL CG2 HG22 sing N N 176 
VAL CG2 HG23 sing N N 177 
VAL OXT HXT  sing N N 178 
# 
_atom_sites.entry_id                    1BTS 
_atom_sites.fract_transf_matrix[1][1]   1.000000 
_atom_sites.fract_transf_matrix[1][2]   0.000000 
_atom_sites.fract_transf_matrix[1][3]   0.000000 
_atom_sites.fract_transf_matrix[2][1]   0.000000 
_atom_sites.fract_transf_matrix[2][2]   1.000000 
_atom_sites.fract_transf_matrix[2][3]   0.000000 
_atom_sites.fract_transf_matrix[3][1]   0.000000 
_atom_sites.fract_transf_matrix[3][2]   0.000000 
_atom_sites.fract_transf_matrix[3][3]   1.000000 
_atom_sites.fract_transf_vector[1]      0.00000 
_atom_sites.fract_transf_vector[2]      0.00000 
_atom_sites.fract_transf_vector[3]      0.00000 
# 
loop_
_atom_type.symbol 
C 
H 
N 
O 
# 
loop_
_atom_site.group_PDB 
_atom_site.id 
_atom_site.type_symbol 
_atom_site.label_atom_id 
_atom_site.label_alt_id 
_atom_site.label_comp_id 
_atom_site.label_asym_id 
_atom_site.label_entity_id 
_atom_site.label_seq_id 
_atom_site.pdbx_PDB_ins_code 
_atom_site.Cartn_x 
_atom_site.Cartn_y 
_atom_site.Cartn_z 
_atom_site.occupancy 
_atom_site.B_iso_or_equiv 
_atom_site.pdbx_formal_charge 
_atom_site.auth_seq_id 
_atom_site.auth_comp_id 
_atom_site.auth_asym_id 
_atom_site.auth_atom_id 
_atom_site.pdbx_PDB_model_num 
HETATM 1   C C    . ACE A 1 1  ? -5.195 13.131  9.930   1.00 2.80 ? 1  ACE A C    1 
HETATM 2   O O    . ACE A 1 1  ? -6.073 12.431  10.399  1.00 3.00 ? 1  ACE A O    1 
HETATM 3   C CH3  . ACE A 1 1  ? -5.029 14.588  10.366  1.00 3.78 ? 1  ACE A CH3  1 
HETATM 4   H H1   . ACE A 1 1  ? -5.017 15.227  9.495   1.00 4.15 ? 1  ACE A H1   1 
HETATM 5   H H2   . ACE A 1 1  ? -5.853 14.868  11.007  1.00 4.08 ? 1  ACE A H2   1 
HETATM 6   H H3   . ACE A 1 1  ? -4.099 14.699  10.905  1.00 4.30 ? 1  ACE A H3   1 
ATOM   7   N N    . GLY A 1 2  ? -4.355 12.672  9.037   1.00 2.24 ? 2  GLY A N    1 
ATOM   8   C CA   . GLY A 1 2  ? -4.453 11.260  8.563   1.00 1.80 ? 2  GLY A CA   1 
ATOM   9   C C    . GLY A 1 2  ? -3.126 10.841  7.928   1.00 1.48 ? 2  GLY A C    1 
ATOM   10  O O    . GLY A 1 2  ? -3.099 10.140  6.934   1.00 1.29 ? 2  GLY A O    1 
ATOM   11  H H    . GLY A 1 2  ? -3.658 13.258  8.678   1.00 2.61 ? 2  GLY A H    1 
ATOM   12  H HA2  . GLY A 1 2  ? -4.673 10.613  9.401   1.00 2.25 ? 2  GLY A HA2  1 
ATOM   13  H HA3  . GLY A 1 2  ? -5.240 11.179  7.829   1.00 2.10 ? 2  GLY A HA3  1 
ATOM   14  N N    . VAL A 1 3  ? -2.028 11.266  8.498   1.00 1.48 ? 3  VAL A N    1 
ATOM   15  C CA   . VAL A 1 3  ? -0.695 10.898  7.935   1.00 1.28 ? 3  VAL A CA   1 
ATOM   16  C C    . VAL A 1 3  ? -0.359 9.459   8.328   1.00 0.96 ? 3  VAL A C    1 
ATOM   17  O O    . VAL A 1 3  ? 0.158  8.696   7.536   1.00 0.80 ? 3  VAL A O    1 
ATOM   18  C CB   . VAL A 1 3  ? 0.380  11.838  8.490   1.00 1.53 ? 3  VAL A CB   1 
ATOM   19  C CG1  . VAL A 1 3  ? 1.688  11.623  7.726   1.00 2.22 ? 3  VAL A CG1  1 
ATOM   20  C CG2  . VAL A 1 3  ? -0.067 13.294  8.326   1.00 1.84 ? 3  VAL A CG2  1 
ATOM   21  H H    . VAL A 1 3  ? -2.080 11.830  9.297   1.00 1.67 ? 3  VAL A H    1 
ATOM   22  H HA   . VAL A 1 3  ? -0.723 10.980  6.858   1.00 1.26 ? 3  VAL A HA   1 
ATOM   23  H HB   . VAL A 1 3  ? 0.537  11.621  9.535   1.00 1.85 ? 3  VAL A HB   1 
ATOM   24  H HG11 . VAL A 1 3  ? 1.471  11.442  6.684   1.00 2.74 ? 3  VAL A HG11 1 
ATOM   25  H HG12 . VAL A 1 3  ? 2.306  12.504  7.818   1.00 2.76 ? 3  VAL A HG12 1 
ATOM   26  H HG13 . VAL A 1 3  ? 2.210  10.773  8.139   1.00 2.38 ? 3  VAL A HG13 1 
ATOM   27  H HG21 . VAL A 1 3  ? -0.397 13.458  7.311   1.00 2.23 ? 3  VAL A HG21 1 
ATOM   28  H HG22 . VAL A 1 3  ? -0.881 13.498  9.007   1.00 2.24 ? 3  VAL A HG22 1 
ATOM   29  H HG23 . VAL A 1 3  ? 0.761  13.952  8.548   1.00 2.30 ? 3  VAL A HG23 1 
ATOM   30  N N    . SER A 1 4  ? -0.650 9.089   9.549   1.00 0.97 ? 4  SER A N    1 
ATOM   31  C CA   . SER A 1 4  ? -0.352 7.702   10.009  1.00 0.76 ? 4  SER A CA   1 
ATOM   32  C C    . SER A 1 4  ? -1.251 6.711   9.267   1.00 0.56 ? 4  SER A C    1 
ATOM   33  O O    . SER A 1 4  ? -0.829 5.628   8.907   1.00 0.40 ? 4  SER A O    1 
ATOM   34  C CB   . SER A 1 4  ? -0.616 7.598   11.512  1.00 0.95 ? 4  SER A CB   1 
ATOM   35  O OG   . SER A 1 4  ? 0.237  6.609   12.073  1.00 1.59 ? 4  SER A OG   1 
ATOM   36  H H    . SER A 1 4  ? -1.066 9.728   10.166  1.00 1.16 ? 4  SER A H    1 
ATOM   37  H HA   . SER A 1 4  ? 0.684  7.470   9.809   1.00 0.76 ? 4  SER A HA   1 
ATOM   38  H HB2  . SER A 1 4  ? -0.413 8.547   11.981  1.00 1.47 ? 4  SER A HB2  1 
ATOM   39  H HB3  . SER A 1 4  ? -1.651 7.332   11.677  1.00 1.31 ? 4  SER A HB3  1 
ATOM   40  H HG   . SER A 1 4  ? 0.092  6.594   13.021  1.00 1.95 ? 4  SER A HG   1 
ATOM   41  N N    . GLU A 1 5  ? -2.486 7.076   9.037   1.00 0.72 ? 5  GLU A N    1 
ATOM   42  C CA   . GLU A 1 5  ? -3.423 6.161   8.321   1.00 0.73 ? 5  GLU A CA   1 
ATOM   43  C C    . GLU A 1 5  ? -3.092 6.145   6.827   1.00 0.56 ? 5  GLU A C    1 
ATOM   44  O O    . GLU A 1 5  ? -3.346 5.173   6.141   1.00 0.53 ? 5  GLU A O    1 
ATOM   45  C CB   . GLU A 1 5  ? -4.860 6.647   8.520   1.00 1.08 ? 5  GLU A CB   1 
ATOM   46  C CG   . GLU A 1 5  ? -5.218 6.588   10.006  1.00 1.72 ? 5  GLU A CG   1 
ATOM   47  C CD   . GLU A 1 5  ? -6.667 7.037   10.201  1.00 2.31 ? 5  GLU A CD   1 
ATOM   48  O OE1  . GLU A 1 5  ? -7.536 6.452   9.575   1.00 2.60 ? 5  GLU A OE1  1 
ATOM   49  O OE2  . GLU A 1 5  ? -6.883 7.956   10.973  1.00 3.04 ? 5  GLU A OE2  1 
ATOM   50  H H    . GLU A 1 5  ? -2.799 7.954   9.340   1.00 0.93 ? 5  GLU A H    1 
ATOM   51  H HA   . GLU A 1 5  ? -3.324 5.162   8.721   1.00 0.73 ? 5  GLU A HA   1 
ATOM   52  H HB2  . GLU A 1 5  ? -4.948 7.665   8.167   1.00 1.41 ? 5  GLU A HB2  1 
ATOM   53  H HB3  . GLU A 1 5  ? -5.535 6.014   7.965   1.00 1.40 ? 5  GLU A HB3  1 
ATOM   54  H HG2  . GLU A 1 5  ? -5.102 5.575   10.364  1.00 2.13 ? 5  GLU A HG2  1 
ATOM   55  H HG3  . GLU A 1 5  ? -4.563 7.243   10.560  1.00 2.22 ? 5  GLU A HG3  1 
ATOM   56  N N    . LEU A 1 6  ? -2.531 7.213   6.317   1.00 0.55 ? 6  LEU A N    1 
ATOM   57  C CA   . LEU A 1 6  ? -2.184 7.263   4.866   1.00 0.54 ? 6  LEU A CA   1 
ATOM   58  C C    . LEU A 1 6  ? -0.940 6.405   4.608   1.00 0.38 ? 6  LEU A C    1 
ATOM   59  O O    . LEU A 1 6  ? -0.786 5.829   3.548   1.00 0.45 ? 6  LEU A O    1 
ATOM   60  C CB   . LEU A 1 6  ? -1.904 8.716   4.460   1.00 0.75 ? 6  LEU A CB   1 
ATOM   61  C CG   . LEU A 1 6  ? -3.117 9.287   3.722   1.00 1.02 ? 6  LEU A CG   1 
ATOM   62  C CD1  . LEU A 1 6  ? -3.232 10.784  4.012   1.00 1.58 ? 6  LEU A CD1  1 
ATOM   63  C CD2  . LEU A 1 6  ? -2.945 9.071   2.217   1.00 1.55 ? 6  LEU A CD2  1 
ATOM   64  H H    . LEU A 1 6  ? -2.338 7.984   6.890   1.00 0.65 ? 6  LEU A H    1 
ATOM   65  H HA   . LEU A 1 6  ? -3.009 6.878   4.287   1.00 0.62 ? 6  LEU A HA   1 
ATOM   66  H HB2  . LEU A 1 6  ? -1.713 9.304   5.346   1.00 1.00 ? 6  LEU A HB2  1 
ATOM   67  H HB3  . LEU A 1 6  ? -1.042 8.752   3.811   1.00 1.04 ? 6  LEU A HB3  1 
ATOM   68  H HG   . LEU A 1 6  ? -4.013 8.786   4.060   1.00 1.60 ? 6  LEU A HG   1 
ATOM   69  H HD11 . LEU A 1 6  ? -2.244 11.205  4.128   1.00 1.91 ? 6  LEU A HD11 1 
ATOM   70  H HD12 . LEU A 1 6  ? -3.738 11.272  3.191   1.00 2.15 ? 6  LEU A HD12 1 
ATOM   71  H HD13 . LEU A 1 6  ? -3.795 10.933  4.921   1.00 2.10 ? 6  LEU A HD13 1 
ATOM   72  H HD21 . LEU A 1 6  ? -2.435 8.135   2.042   1.00 1.98 ? 6  LEU A HD21 1 
ATOM   73  H HD22 . LEU A 1 6  ? -3.915 9.047   1.743   1.00 2.18 ? 6  LEU A HD22 1 
ATOM   74  H HD23 . LEU A 1 6  ? -2.362 9.881   1.802   1.00 2.00 ? 6  LEU A HD23 1 
ATOM   75  N N    . LEU A 1 7  ? -0.056 6.319   5.569   1.00 0.35 ? 7  LEU A N    1 
ATOM   76  C CA   . LEU A 1 7  ? 1.179  5.500   5.386   1.00 0.47 ? 7  LEU A CA   1 
ATOM   77  C C    . LEU A 1 7  ? 0.815  4.015   5.432   1.00 0.48 ? 7  LEU A C    1 
ATOM   78  O O    . LEU A 1 7  ? 1.361  3.212   4.697   1.00 0.61 ? 7  LEU A O    1 
ATOM   79  C CB   . LEU A 1 7  ? 2.176  5.821   6.504   1.00 0.61 ? 7  LEU A CB   1 
ATOM   80  C CG   . LEU A 1 7  ? 3.610  5.764   5.951   1.00 1.22 ? 7  LEU A CG   1 
ATOM   81  C CD1  . LEU A 1 7  ? 4.402  6.977   6.444   1.00 1.54 ? 7  LEU A CD1  1 
ATOM   82  C CD2  . LEU A 1 7  ? 4.298  4.482   6.433   1.00 2.08 ? 7  LEU A CD2  1 
ATOM   83  H H    . LEU A 1 7  ? -0.205 6.792   6.414   1.00 0.39 ? 7  LEU A H    1 
ATOM   84  H HA   . LEU A 1 7  ? 1.624  5.731   4.429   1.00 0.59 ? 7  LEU A HA   1 
ATOM   85  H HB2  . LEU A 1 7  ? 1.973  6.812   6.886   1.00 0.58 ? 7  LEU A HB2  1 
ATOM   86  H HB3  . LEU A 1 7  ? 2.067  5.101   7.301   1.00 0.84 ? 7  LEU A HB3  1 
ATOM   87  H HG   . LEU A 1 7  ? 3.582  5.773   4.871   1.00 1.80 ? 7  LEU A HG   1 
ATOM   88  H HD11 . LEU A 1 7  ? 4.062  7.252   7.433   1.00 1.91 ? 7  LEU A HD11 1 
ATOM   89  H HD12 . LEU A 1 7  ? 5.453  6.731   6.481   1.00 1.96 ? 7  LEU A HD12 1 
ATOM   90  H HD13 . LEU A 1 7  ? 4.250  7.806   5.769   1.00 2.11 ? 7  LEU A HD13 1 
ATOM   91  H HD21 . LEU A 1 7  ? 4.166  4.382   7.501   1.00 2.50 ? 7  LEU A HD21 1 
ATOM   92  H HD22 . LEU A 1 7  ? 3.862  3.629   5.934   1.00 2.67 ? 7  LEU A HD22 1 
ATOM   93  H HD23 . LEU A 1 7  ? 5.353  4.533   6.205   1.00 2.45 ? 7  LEU A HD23 1 
ATOM   94  N N    . ILE A 1 8  ? -0.107 3.646   6.285   1.00 0.47 ? 8  ILE A N    1 
ATOM   95  C CA   . ILE A 1 8  ? -0.516 2.215   6.378   1.00 0.64 ? 8  ILE A CA   1 
ATOM   96  C C    . ILE A 1 8  ? -1.345 1.847   5.147   1.00 0.62 ? 8  ILE A C    1 
ATOM   97  O O    . ILE A 1 8  ? -1.305 0.729   4.672   1.00 0.72 ? 8  ILE A O    1 
ATOM   98  C CB   . ILE A 1 8  ? -1.350 2.006   7.641   1.00 0.73 ? 8  ILE A CB   1 
ATOM   99  C CG1  . ILE A 1 8  ? -0.560 2.500   8.854   1.00 1.34 ? 8  ILE A CG1  1 
ATOM   100 C CG2  . ILE A 1 8  ? -1.665 0.519   7.811   1.00 1.43 ? 8  ILE A CG2  1 
ATOM   101 C CD1  . ILE A 1 8  ? -1.474 2.534   10.077  1.00 1.95 ? 8  ILE A CD1  1 
ATOM   102 H H    . ILE A 1 8  ? -0.533 4.314   6.860   1.00 0.45 ? 8  ILE A H    1 
ATOM   103 H HA   . ILE A 1 8  ? 0.363  1.591   6.424   1.00 0.76 ? 8  ILE A HA   1 
ATOM   104 H HB   . ILE A 1 8  ? -2.271 2.563   7.560   1.00 1.17 ? 8  ILE A HB   1 
ATOM   105 H HG12 . ILE A 1 8  ? 0.268  1.830   9.041   1.00 1.91 ? 8  ILE A HG12 1 
ATOM   106 H HG13 . ILE A 1 8  ? -0.182 3.492   8.659   1.00 1.94 ? 8  ILE A HG13 1 
ATOM   107 H HG21 . ILE A 1 8  ? -1.692 0.044   6.842   1.00 1.84 ? 8  ILE A HG21 1 
ATOM   108 H HG22 . ILE A 1 8  ? -0.900 0.056   8.417   1.00 1.93 ? 8  ILE A HG22 1 
ATOM   109 H HG23 . ILE A 1 8  ? -2.625 0.406   8.294   1.00 2.06 ? 8  ILE A HG23 1 
ATOM   110 H HD11 . ILE A 1 8  ? -1.951 1.573   10.196  1.00 2.33 ? 8  ILE A HD11 1 
ATOM   111 H HD12 . ILE A 1 8  ? -0.890 2.760   10.956  1.00 2.34 ? 8  ILE A HD12 1 
ATOM   112 H HD13 . ILE A 1 8  ? -2.227 3.296   9.940   1.00 2.51 ? 8  ILE A HD13 1 
ATOM   113 N N    . SER A 1 9  ? -2.093 2.788   4.629   1.00 0.54 ? 9  SER A N    1 
ATOM   114 C CA   . SER A 1 9  ? -2.929 2.514   3.424   1.00 0.58 ? 9  SER A CA   1 
ATOM   115 C C    . SER A 1 9  ? -2.018 2.333   2.208   1.00 0.57 ? 9  SER A C    1 
ATOM   116 O O    . SER A 1 9  ? -2.304 1.556   1.317   1.00 0.61 ? 9  SER A O    1 
ATOM   117 C CB   . SER A 1 9  ? -3.874 3.691   3.184   1.00 0.55 ? 9  SER A CB   1 
ATOM   118 O OG   . SER A 1 9  ? -4.995 3.248   2.430   1.00 1.30 ? 9  SER A OG   1 
ATOM   119 H H    . SER A 1 9  ? -2.100 3.680   5.033   1.00 0.51 ? 9  SER A H    1 
ATOM   120 H HA   . SER A 1 9  ? -3.505 1.614   3.581   1.00 0.70 ? 9  SER A HA   1 
ATOM   121 H HB2  . SER A 1 9  ? -4.213 4.082   4.129   1.00 1.06 ? 9  SER A HB2  1 
ATOM   122 H HB3  . SER A 1 9  ? -3.349 4.468   2.645   1.00 0.96 ? 9  SER A HB3  1 
ATOM   123 H HG   . SER A 1 9  ? -5.524 4.017   2.205   1.00 1.70 ? 9  SER A HG   1 
ATOM   124 N N    . THR A 1 10 ? -0.922 3.047   2.171   1.00 0.60 ? 10 THR A N    1 
ATOM   125 C CA   . THR A 1 10 ? 0.020  2.928   1.020   1.00 0.66 ? 10 THR A CA   1 
ATOM   126 C C    . THR A 1 10 ? 0.858  1.655   1.171   1.00 0.74 ? 10 THR A C    1 
ATOM   127 O O    . THR A 1 10 ? 1.319  1.091   0.197   1.00 0.78 ? 10 THR A O    1 
ATOM   128 C CB   . THR A 1 10 ? 0.944  4.147   0.992   1.00 0.69 ? 10 THR A CB   1 
ATOM   129 O OG1  . THR A 1 10 ? 0.198  5.309   1.325   1.00 1.19 ? 10 THR A OG1  1 
ATOM   130 C CG2  . THR A 1 10 ? 1.540  4.307   -0.407  1.00 1.34 ? 10 THR A CG2  1 
ATOM   131 H H    . THR A 1 10 ? -0.718 3.663   2.904   1.00 0.62 ? 10 THR A H    1 
ATOM   132 H HA   . THR A 1 10 ? -0.540 2.880   0.099   1.00 0.69 ? 10 THR A HA   1 
ATOM   133 H HB   . THR A 1 10 ? 1.741  4.013   1.705   1.00 1.14 ? 10 THR A HB   1 
ATOM   134 H HG1  . THR A 1 10 ? 0.783  6.067   1.259   1.00 1.73 ? 10 THR A HG1  1 
ATOM   135 H HG21 . THR A 1 10 ? 1.556  3.348   -0.904  1.00 1.89 ? 10 THR A HG21 1 
ATOM   136 H HG22 . THR A 1 10 ? 0.938  4.997   -0.979  1.00 1.89 ? 10 THR A HG22 1 
ATOM   137 H HG23 . THR A 1 10 ? 2.547  4.688   -0.328  1.00 1.84 ? 10 THR A HG23 1 
ATOM   138 N N    . ALA A 1 11 ? 1.058  1.199   2.383   1.00 0.79 ? 11 ALA A N    1 
ATOM   139 C CA   . ALA A 1 11 ? 1.865  -0.037  2.600   1.00 0.90 ? 11 ALA A CA   1 
ATOM   140 C C    . ALA A 1 11 ? 1.070  -1.254  2.121   1.00 0.89 ? 11 ALA A C    1 
ATOM   141 O O    . ALA A 1 11 ? 1.589  -2.113  1.434   1.00 0.90 ? 11 ALA A O    1 
ATOM   142 C CB   . ALA A 1 11 ? 2.180  -0.188  4.089   1.00 1.02 ? 11 ALA A CB   1 
ATOM   143 H H    . ALA A 1 11 ? 0.677  1.672   3.153   1.00 0.78 ? 11 ALA A H    1 
ATOM   144 H HA   . ALA A 1 11 ? 2.786  0.032   2.042   1.00 0.94 ? 11 ALA A HA   1 
ATOM   145 H HB1  . ALA A 1 11 ? 2.366  0.786   4.518   1.00 1.52 ? 11 ALA A HB1  1 
ATOM   146 H HB2  . ALA A 1 11 ? 1.340  -0.647  4.590   1.00 1.42 ? 11 ALA A HB2  1 
ATOM   147 H HB3  . ALA A 1 11 ? 3.055  -0.808  4.211   1.00 1.44 ? 11 ALA A HB3  1 
ATOM   148 N N    . VAL A 1 12 ? -0.188 -1.329  2.478   1.00 0.92 ? 12 VAL A N    1 
ATOM   149 C CA   . VAL A 1 12 ? -1.027 -2.484  2.044   1.00 0.95 ? 12 VAL A CA   1 
ATOM   150 C C    . VAL A 1 12 ? -1.236 -2.417  0.530   1.00 0.82 ? 12 VAL A C    1 
ATOM   151 O O    . VAL A 1 12 ? -1.090 -3.402  -0.171  1.00 0.73 ? 12 VAL A O    1 
ATOM   152 C CB   . VAL A 1 12 ? -2.382 -2.424  2.751   1.00 1.08 ? 12 VAL A CB   1 
ATOM   153 C CG1  . VAL A 1 12 ? -3.198 -3.675  2.409   1.00 1.37 ? 12 VAL A CG1  1 
ATOM   154 C CG2  . VAL A 1 12 ? -2.167 -2.355  4.266   1.00 1.29 ? 12 VAL A CG2  1 
ATOM   155 H H    . VAL A 1 12 ? -0.581 -0.621  3.029   1.00 0.97 ? 12 VAL A H    1 
ATOM   156 H HA   . VAL A 1 12 ? -0.529 -3.407  2.298   1.00 1.02 ? 12 VAL A HA   1 
ATOM   157 H HB   . VAL A 1 12 ? -2.918 -1.547  2.422   1.00 1.26 ? 12 VAL A HB   1 
ATOM   158 H HG11 . VAL A 1 12 ? -2.531 -4.516  2.285   1.00 1.76 ? 12 VAL A HG11 1 
ATOM   159 H HG12 . VAL A 1 12 ? -3.894 -3.880  3.208   1.00 1.81 ? 12 VAL A HG12 1 
ATOM   160 H HG13 . VAL A 1 12 ? -3.742 -3.508  1.491   1.00 1.83 ? 12 VAL A HG13 1 
ATOM   161 H HG21 . VAL A 1 12 ? -1.201 -2.773  4.513   1.00 1.60 ? 12 VAL A HG21 1 
ATOM   162 H HG22 . VAL A 1 12 ? -2.206 -1.325  4.588   1.00 1.61 ? 12 VAL A HG22 1 
ATOM   163 H HG23 . VAL A 1 12 ? -2.941 -2.917  4.768   1.00 1.91 ? 12 VAL A HG23 1 
ATOM   164 N N    . GLN A 1 13 ? -1.573 -1.260  0.024   1.00 0.87 ? 13 GLN A N    1 
ATOM   165 C CA   . GLN A 1 13 ? -1.792 -1.110  -1.445  1.00 0.79 ? 13 GLN A CA   1 
ATOM   166 C C    . GLN A 1 13 ? -0.464 -1.311  -2.190  1.00 0.62 ? 13 GLN A C    1 
ATOM   167 O O    . GLN A 1 13 ? -0.450 -1.618  -3.368  1.00 0.52 ? 13 GLN A O    1 
ATOM   168 C CB   . GLN A 1 13 ? -2.344 0.295   -1.733  1.00 0.90 ? 13 GLN A CB   1 
ATOM   169 C CG   . GLN A 1 13 ? -3.691 0.189   -2.455  1.00 1.28 ? 13 GLN A CG   1 
ATOM   170 C CD   . GLN A 1 13 ? -4.082 1.559   -3.009  1.00 1.85 ? 13 GLN A CD   1 
ATOM   171 O OE1  . GLN A 1 13 ? -3.287 2.218   -3.650  1.00 2.53 ? 13 GLN A OE1  1 
ATOM   172 N NE2  . GLN A 1 13 ? -5.282 2.022   -2.788  1.00 2.42 ? 13 GLN A NE2  1 
ATOM   173 H H    . GLN A 1 13 ? -1.681 -0.484  0.612   1.00 1.00 ? 13 GLN A H    1 
ATOM   174 H HA   . GLN A 1 13 ? -2.502 -1.855  -1.777  1.00 0.81 ? 13 GLN A HA   1 
ATOM   175 H HB2  . GLN A 1 13 ? -2.479 0.823   -0.800  1.00 1.20 ? 13 GLN A HB2  1 
ATOM   176 H HB3  . GLN A 1 13 ? -1.649 0.840   -2.355  1.00 1.22 ? 13 GLN A HB3  1 
ATOM   177 H HG2  . GLN A 1 13 ? -3.610 -0.520  -3.266  1.00 1.81 ? 13 GLN A HG2  1 
ATOM   178 H HG3  . GLN A 1 13 ? -4.447 -0.145  -1.759  1.00 1.79 ? 13 GLN A HG3  1 
ATOM   179 H HE21 . GLN A 1 13 ? -5.924 1.491   -2.271  1.00 2.63 ? 13 GLN A HE21 1 
ATOM   180 H HE22 . GLN A 1 13 ? -5.543 2.899   -3.139  1.00 3.04 ? 13 GLN A HE22 1 
ATOM   181 N N    . GLY A 1 14 ? 0.649  -1.139  -1.517  1.00 0.68 ? 14 GLY A N    1 
ATOM   182 C CA   . GLY A 1 14 ? 1.971  -1.317  -2.187  1.00 0.62 ? 14 GLY A CA   1 
ATOM   183 C C    . GLY A 1 14 ? 2.259  -2.809  -2.366  1.00 0.50 ? 14 GLY A C    1 
ATOM   184 O O    . GLY A 1 14 ? 2.702  -3.241  -3.414  1.00 0.43 ? 14 GLY A O    1 
ATOM   185 H H    . GLY A 1 14 ? 0.616  -0.889  -0.571  1.00 0.81 ? 14 GLY A H    1 
ATOM   186 H HA2  . GLY A 1 14 ? 1.952  -0.834  -3.154  1.00 0.62 ? 14 GLY A HA2  1 
ATOM   187 H HA3  . GLY A 1 14 ? 2.746  -0.875  -1.579  1.00 0.75 ? 14 GLY A HA3  1 
ATOM   188 N N    . ILE A 1 15 ? 2.007  -3.597  -1.352  1.00 0.57 ? 15 ILE A N    1 
ATOM   189 C CA   . ILE A 1 15 ? 2.262  -5.064  -1.458  1.00 0.53 ? 15 ILE A CA   1 
ATOM   190 C C    . ILE A 1 15 ? 1.288  -5.667  -2.472  1.00 0.37 ? 15 ILE A C    1 
ATOM   191 O O    . ILE A 1 15 ? 1.613  -6.604  -3.178  1.00 0.36 ? 15 ILE A O    1 
ATOM   192 C CB   . ILE A 1 15 ? 2.057  -5.724  -0.091  1.00 0.72 ? 15 ILE A CB   1 
ATOM   193 C CG1  . ILE A 1 15 ? 2.959  -5.038  0.944   1.00 1.33 ? 15 ILE A CG1  1 
ATOM   194 C CG2  . ILE A 1 15 ? 2.411  -7.218  -0.173  1.00 1.32 ? 15 ILE A CG2  1 
ATOM   195 C CD1  . ILE A 1 15 ? 2.578  -5.496  2.357   1.00 1.71 ? 15 ILE A CD1  1 
ATOM   196 H H    . ILE A 1 15 ? 1.648  -3.223  -0.520  1.00 0.70 ? 15 ILE A H    1 
ATOM   197 H HA   . ILE A 1 15 ? 3.275  -5.230  -1.789  1.00 0.55 ? 15 ILE A HA   1 
ATOM   198 H HB   . ILE A 1 15 ? 1.025  -5.617  0.204   1.00 0.98 ? 15 ILE A HB   1 
ATOM   199 H HG12 . ILE A 1 15 ? 3.989  -5.297  0.749   1.00 1.86 ? 15 ILE A HG12 1 
ATOM   200 H HG13 . ILE A 1 15 ? 2.840  -3.968  0.873   1.00 1.92 ? 15 ILE A HG13 1 
ATOM   201 H HG21 . ILE A 1 15 ? 2.553  -7.502  -1.206  1.00 1.86 ? 15 ILE A HG21 1 
ATOM   202 H HG22 . ILE A 1 15 ? 3.319  -7.409  0.379   1.00 1.79 ? 15 ILE A HG22 1 
ATOM   203 H HG23 . ILE A 1 15 ? 1.604  -7.799  0.250   1.00 1.84 ? 15 ILE A HG23 1 
ATOM   204 H HD11 . ILE A 1 15 ? 1.768  -6.210  2.305   1.00 2.16 ? 15 ILE A HD11 1 
ATOM   205 H HD12 . ILE A 1 15 ? 3.433  -5.957  2.828   1.00 2.13 ? 15 ILE A HD12 1 
ATOM   206 H HD13 . ILE A 1 15 ? 2.265  -4.641  2.939   1.00 2.16 ? 15 ILE A HD13 1 
ATOM   207 N N    . LEU A 1 16 ? 0.098  -5.127  -2.553  1.00 0.43 ? 16 LEU A N    1 
ATOM   208 C CA   . LEU A 1 16 ? -0.906 -5.651  -3.524  1.00 0.43 ? 16 LEU A CA   1 
ATOM   209 C C    . LEU A 1 16 ? -0.503 -5.225  -4.938  1.00 0.34 ? 16 LEU A C    1 
ATOM   210 O O    . LEU A 1 16 ? -0.749 -5.923  -5.903  1.00 0.45 ? 16 LEU A O    1 
ATOM   211 C CB   . LEU A 1 16 ? -2.285 -5.071  -3.189  1.00 0.62 ? 16 LEU A CB   1 
ATOM   212 C CG   . LEU A 1 16 ? -3.105 -6.102  -2.410  1.00 0.94 ? 16 LEU A CG   1 
ATOM   213 C CD1  . LEU A 1 16 ? -4.011 -5.383  -1.409  1.00 1.66 ? 16 LEU A CD1  1 
ATOM   214 C CD2  . LEU A 1 16 ? -3.967 -6.908  -3.385  1.00 1.62 ? 16 LEU A CD2  1 
ATOM   215 H H    . LEU A 1 16 ? -0.132 -4.370  -1.976  1.00 0.57 ? 16 LEU A H    1 
ATOM   216 H HA   . LEU A 1 16 ? -0.940 -6.729  -3.467  1.00 0.49 ? 16 LEU A HA   1 
ATOM   217 H HB2  . LEU A 1 16 ? -2.164 -4.182  -2.589  1.00 0.75 ? 16 LEU A HB2  1 
ATOM   218 H HB3  . LEU A 1 16 ? -2.804 -4.819  -4.103  1.00 0.69 ? 16 LEU A HB3  1 
ATOM   219 H HG   . LEU A 1 16 ? -2.439 -6.767  -1.880  1.00 1.34 ? 16 LEU A HG   1 
ATOM   220 H HD11 . LEU A 1 16 ? -3.441 -4.629  -0.887  1.00 2.15 ? 16 LEU A HD11 1 
ATOM   221 H HD12 . LEU A 1 16 ? -4.829 -4.915  -1.936  1.00 2.08 ? 16 LEU A HD12 1 
ATOM   222 H HD13 . LEU A 1 16 ? -4.401 -6.096  -0.698  1.00 2.22 ? 16 LEU A HD13 1 
ATOM   223 H HD21 . LEU A 1 16 ? -3.331 -7.406  -4.102  1.00 2.19 ? 16 LEU A HD21 1 
ATOM   224 H HD22 . LEU A 1 16 ? -4.538 -7.643  -2.838  1.00 2.12 ? 16 LEU A HD22 1 
ATOM   225 H HD23 . LEU A 1 16 ? -4.641 -6.242  -3.905  1.00 2.05 ? 16 LEU A HD23 1 
ATOM   226 N N    . PHE A 1 17 ? 0.113  -4.077  -5.060  1.00 0.35 ? 17 PHE A N    1 
ATOM   227 C CA   . PHE A 1 17 ? 0.539  -3.581  -6.400  1.00 0.49 ? 17 PHE A CA   1 
ATOM   228 C C    . PHE A 1 17 ? 1.683  -4.446  -6.934  1.00 0.59 ? 17 PHE A C    1 
ATOM   229 O O    . PHE A 1 17 ? 1.847  -4.600  -8.130  1.00 0.87 ? 17 PHE A O    1 
ATOM   230 C CB   . PHE A 1 17 ? 1.016  -2.134  -6.272  1.00 0.65 ? 17 PHE A CB   1 
ATOM   231 C CG   . PHE A 1 17 ? 0.730  -1.392  -7.554  1.00 0.91 ? 17 PHE A CG   1 
ATOM   232 C CD1  . PHE A 1 17 ? 1.661  -1.417  -8.599  1.00 1.63 ? 17 PHE A CD1  1 
ATOM   233 C CD2  . PHE A 1 17 ? -0.465 -0.677  -7.696  1.00 1.62 ? 17 PHE A CD2  1 
ATOM   234 C CE1  . PHE A 1 17 ? 1.396  -0.725  -9.787  1.00 1.86 ? 17 PHE A CE1  1 
ATOM   235 C CE2  . PHE A 1 17 ? -0.729 0.014   -8.884  1.00 1.97 ? 17 PHE A CE2  1 
ATOM   236 C CZ   . PHE A 1 17 ? 0.201  -0.011  -9.930  1.00 1.70 ? 17 PHE A CZ   1 
ATOM   237 H H    . PHE A 1 17 ? 0.294  -3.536  -4.263  1.00 0.39 ? 17 PHE A H    1 
ATOM   238 H HA   . PHE A 1 17 ? -0.297 -3.625  -7.084  1.00 0.59 ? 17 PHE A HA   1 
ATOM   239 H HB2  . PHE A 1 17 ? 0.497  -1.655  -5.454  1.00 0.69 ? 17 PHE A HB2  1 
ATOM   240 H HB3  . PHE A 1 17 ? 2.079  -2.122  -6.079  1.00 0.83 ? 17 PHE A HB3  1 
ATOM   241 H HD1  . PHE A 1 17 ? 2.582  -1.969  -8.489  1.00 2.37 ? 17 PHE A HD1  1 
ATOM   242 H HD2  . PHE A 1 17 ? -1.182 -0.659  -6.889  1.00 2.29 ? 17 PHE A HD2  1 
ATOM   243 H HE1  . PHE A 1 17 ? 2.113  -0.744  -10.594 1.00 2.59 ? 17 PHE A HE1  1 
ATOM   244 H HE2  . PHE A 1 17 ? -1.652 0.565   -8.994  1.00 2.79 ? 17 PHE A HE2  1 
ATOM   245 H HZ   . PHE A 1 17 ? -0.004 0.523   -10.846 1.00 2.03 ? 17 PHE A HZ   1 
ATOM   246 N N    . ALA A 1 18 ? 2.479  -5.001  -6.056  1.00 0.53 ? 18 ALA A N    1 
ATOM   247 C CA   . ALA A 1 18 ? 3.622  -5.850  -6.506  1.00 0.76 ? 18 ALA A CA   1 
ATOM   248 C C    . ALA A 1 18 ? 3.103  -7.214  -6.968  1.00 0.79 ? 18 ALA A C    1 
ATOM   249 O O    . ALA A 1 18 ? 3.618  -7.797  -7.903  1.00 1.04 ? 18 ALA A O    1 
ATOM   250 C CB   . ALA A 1 18 ? 4.599  -6.045  -5.344  1.00 0.85 ? 18 ALA A CB   1 
ATOM   251 H H    . ALA A 1 18 ? 2.328  -4.855  -5.100  1.00 0.46 ? 18 ALA A H    1 
ATOM   252 H HA   . ALA A 1 18 ? 4.130  -5.364  -7.325  1.00 0.98 ? 18 ALA A HA   1 
ATOM   253 H HB1  . ALA A 1 18 ? 4.754  -5.100  -4.844  1.00 1.33 ? 18 ALA A HB1  1 
ATOM   254 H HB2  . ALA A 1 18 ? 4.188  -6.759  -4.645  1.00 1.32 ? 18 ALA A HB2  1 
ATOM   255 H HB3  . ALA A 1 18 ? 5.541  -6.412  -5.723  1.00 1.38 ? 18 ALA A HB3  1 
ATOM   256 N N    . LEU A 1 19 ? 2.092  -7.728  -6.313  1.00 0.68 ? 19 LEU A N    1 
ATOM   257 C CA   . LEU A 1 19 ? 1.538  -9.058  -6.703  1.00 0.91 ? 19 LEU A CA   1 
ATOM   258 C C    . LEU A 1 19 ? 0.852  -8.952  -8.071  1.00 1.04 ? 19 LEU A C    1 
ATOM   259 O O    . LEU A 1 19 ? 1.206  -9.646  -9.005  1.00 1.34 ? 19 LEU A O    1 
ATOM   260 C CB   . LEU A 1 19 ? 0.521  -9.517  -5.643  1.00 0.97 ? 19 LEU A CB   1 
ATOM   261 C CG   . LEU A 1 19 ? 1.004  -10.805 -4.956  1.00 1.38 ? 19 LEU A CG   1 
ATOM   262 C CD1  . LEU A 1 19 ? 1.185  -11.917 -5.994  1.00 2.01 ? 19 LEU A CD1  1 
ATOM   263 C CD2  . LEU A 1 19 ? 2.338  -10.545 -4.250  1.00 2.03 ? 19 LEU A CD2  1 
ATOM   264 H H    . LEU A 1 19 ? 1.700  -7.238  -5.560  1.00 0.57 ? 19 LEU A H    1 
ATOM   265 H HA   . LEU A 1 19 ? 2.344  -9.776  -6.764  1.00 1.08 ? 19 LEU A HA   1 
ATOM   266 H HB2  . LEU A 1 19 ? 0.407  -8.741  -4.901  1.00 1.05 ? 19 LEU A HB2  1 
ATOM   267 H HB3  . LEU A 1 19 ? -0.434 -9.703  -6.112  1.00 1.25 ? 19 LEU A HB3  1 
ATOM   268 H HG   . LEU A 1 19 ? 0.269  -11.117 -4.228  1.00 2.01 ? 19 LEU A HG   1 
ATOM   269 H HD11 . LEU A 1 19 ? 0.545  -11.725 -6.842  1.00 2.54 ? 19 LEU A HD11 1 
ATOM   270 H HD12 . LEU A 1 19 ? 2.215  -11.943 -6.318  1.00 2.54 ? 19 LEU A HD12 1 
ATOM   271 H HD13 . LEU A 1 19 ? 0.923  -12.868 -5.554  1.00 2.34 ? 19 LEU A HD13 1 
ATOM   272 H HD21 . LEU A 1 19 ? 2.414  -9.498  -3.996  1.00 2.46 ? 19 LEU A HD21 1 
ATOM   273 H HD22 . LEU A 1 19 ? 2.391  -11.138 -3.348  1.00 2.56 ? 19 LEU A HD22 1 
ATOM   274 H HD23 . LEU A 1 19 ? 3.152  -10.816 -4.905  1.00 2.44 ? 19 LEU A HD23 1 
ATOM   275 N N    . LEU A 1 20 ? -0.131 -8.095  -8.187  1.00 0.94 ? 20 LEU A N    1 
ATOM   276 C CA   . LEU A 1 20 ? -0.851 -7.944  -9.488  1.00 1.14 ? 20 LEU A CA   1 
ATOM   277 C C    . LEU A 1 20 ? -0.036 -7.081  -10.465 1.00 1.49 ? 20 LEU A C    1 
ATOM   278 O O    . LEU A 1 20 ? -0.430 -6.899  -11.602 1.00 1.97 ? 20 LEU A O    1 
ATOM   279 C CB   . LEU A 1 20 ? -2.209 -7.284  -9.242  1.00 1.19 ? 20 LEU A CB   1 
ATOM   280 C CG   . LEU A 1 20 ? -3.200 -8.332  -8.731  1.00 1.29 ? 20 LEU A CG   1 
ATOM   281 C CD1  . LEU A 1 20 ? -4.260 -7.652  -7.863  1.00 2.00 ? 20 LEU A CD1  1 
ATOM   282 C CD2  . LEU A 1 20 ? -3.880 -9.015  -9.921  1.00 1.81 ? 20 LEU A CD2  1 
ATOM   283 H H    . LEU A 1 20 ? -0.399 -7.553  -7.416  1.00 0.84 ? 20 LEU A H    1 
ATOM   284 H HA   . LEU A 1 20 ? -1.005 -8.920  -9.922  1.00 1.28 ? 20 LEU A HA   1 
ATOM   285 H HB2  . LEU A 1 20 ? -2.101 -6.500  -8.507  1.00 1.37 ? 20 LEU A HB2  1 
ATOM   286 H HB3  . LEU A 1 20 ? -2.578 -6.865  -10.166 1.00 1.48 ? 20 LEU A HB3  1 
ATOM   287 H HG   . LEU A 1 20 ? -2.673 -9.069  -8.142  1.00 1.64 ? 20 LEU A HG   1 
ATOM   288 H HD11 . LEU A 1 20 ? -3.818 -6.814  -7.345  1.00 2.46 ? 20 LEU A HD11 1 
ATOM   289 H HD12 . LEU A 1 20 ? -5.068 -7.302  -8.489  1.00 2.57 ? 20 LEU A HD12 1 
ATOM   290 H HD13 . LEU A 1 20 ? -4.643 -8.359  -7.142  1.00 2.33 ? 20 LEU A HD13 1 
ATOM   291 H HD21 . LEU A 1 20 ? -4.003 -8.303  -10.722 1.00 2.35 ? 20 LEU A HD21 1 
ATOM   292 H HD22 . LEU A 1 20 ? -3.269 -9.838  -10.260 1.00 2.08 ? 20 LEU A HD22 1 
ATOM   293 H HD23 . LEU A 1 20 ? -4.848 -9.388  -9.617  1.00 2.34 ? 20 LEU A HD23 1 
ATOM   294 N N    . GLY A 1 21 ? 1.090  -6.550  -10.044 1.00 1.44 ? 21 GLY A N    1 
ATOM   295 C CA   . GLY A 1 21 ? 1.911  -5.708  -10.967 1.00 1.92 ? 21 GLY A CA   1 
ATOM   296 C C    . GLY A 1 21 ? 3.122  -6.503  -11.472 1.00 2.35 ? 21 GLY A C    1 
ATOM   297 O O    . GLY A 1 21 ? 4.092  -5.933  -11.934 1.00 2.96 ? 21 GLY A O    1 
ATOM   298 H H    . GLY A 1 21 ? 1.398  -6.704  -9.129  1.00 1.21 ? 21 GLY A H    1 
ATOM   299 H HA2  . GLY A 1 21 ? 1.304  -5.405  -11.810 1.00 2.44 ? 21 GLY A HA2  1 
ATOM   300 H HA3  . GLY A 1 21 ? 2.257  -4.831  -10.441 1.00 2.21 ? 21 GLY A HA3  1 
ATOM   301 N N    . ALA A 1 22 ? 3.074  -7.812  -11.390 1.00 2.71 ? 22 ALA A N    1 
ATOM   302 C CA   . ALA A 1 22 ? 4.222  -8.637  -11.867 1.00 3.84 ? 22 ALA A CA   1 
ATOM   303 C C    . ALA A 1 22 ? 4.082  -8.885  -13.370 1.00 4.54 ? 22 ALA A C    1 
ATOM   304 O O    . ALA A 1 22 ? 3.386  -9.789  -13.790 1.00 4.82 ? 22 ALA A O    1 
ATOM   305 C CB   . ALA A 1 22 ? 4.229  -9.976  -11.128 1.00 4.58 ? 22 ALA A CB   1 
ATOM   306 H H    . ALA A 1 22 ? 2.284  -8.253  -11.015 1.00 2.57 ? 22 ALA A H    1 
ATOM   307 H HA   . ALA A 1 22 ? 5.147  -8.114  -11.672 1.00 4.05 ? 22 ALA A HA   1 
ATOM   308 H HB1  . ALA A 1 22 ? 4.261  -9.799  -10.064 1.00 4.70 ? 22 ALA A HB1  1 
ATOM   309 H HB2  . ALA A 1 22 ? 3.335  -10.528 -11.376 1.00 4.85 ? 22 ALA A HB2  1 
ATOM   310 H HB3  . ALA A 1 22 ? 5.098  -10.546 -11.425 1.00 5.13 ? 22 ALA A HB3  1 
HETATM 311 N N    . NH2 A 1 23 ? 4.719  -8.113  -14.206 1.00 5.29 ? 23 NH2 A N    1 
HETATM 312 H HN1  . NH2 A 1 23 ? 4.635  -8.262  -15.171 1.00 5.95 ? 23 NH2 A HN1  1 
HETATM 313 H HN2  . NH2 A 1 23 ? 5.279  -7.383  -13.870 1.00 5.41 ? 23 NH2 A HN2  1 
# 
